data_7S55
#
_entry.id   7S55
#
_entity_poly.entity_id   1
_entity_poly.type   'polypeptide(L)'
_entity_poly.pdbx_seq_one_letter_code
;GIPCGESCVYIPCTVTALLGCSCKDKVCYKN
;
_entity_poly.pdbx_strand_id   A
#
# COMPACT_ATOMS: atom_id res chain seq x y z
N GLY A 1 8.86 3.59 1.81
CA GLY A 1 9.81 2.66 1.29
C GLY A 1 9.62 1.27 1.84
N ILE A 2 8.90 1.18 2.95
CA ILE A 2 8.66 -0.12 3.56
C ILE A 2 7.49 -0.81 2.85
N PRO A 3 7.73 -1.98 2.22
CA PRO A 3 6.66 -2.73 1.58
C PRO A 3 5.66 -3.24 2.60
N CYS A 4 4.46 -2.75 2.53
CA CYS A 4 3.44 -3.10 3.48
C CYS A 4 2.73 -4.40 3.10
N GLY A 5 3.14 -4.97 1.97
CA GLY A 5 2.59 -6.24 1.54
C GLY A 5 1.42 -6.06 0.64
N GLU A 6 0.35 -5.51 1.19
CA GLU A 6 -0.88 -5.22 0.48
C GLU A 6 -0.59 -4.33 -0.72
N SER A 7 -1.13 -4.69 -1.83
CA SER A 7 -0.93 -3.97 -3.03
C SER A 7 -2.23 -3.46 -3.62
N CYS A 8 -2.12 -2.45 -4.43
CA CYS A 8 -3.24 -1.81 -5.04
C CYS A 8 -3.31 -2.24 -6.48
N VAL A 9 -3.97 -3.34 -6.69
CA VAL A 9 -4.03 -3.94 -7.97
C VAL A 9 -5.27 -3.44 -8.67
N TYR A 10 -6.40 -3.73 -8.10
CA TYR A 10 -7.68 -3.35 -8.66
C TYR A 10 -8.30 -2.26 -7.82
N ILE A 11 -8.27 -2.46 -6.53
CA ILE A 11 -8.81 -1.51 -5.59
C ILE A 11 -7.65 -0.87 -4.83
N PRO A 12 -7.87 0.23 -4.11
CA PRO A 12 -6.82 0.84 -3.29
C PRO A 12 -6.59 -0.01 -2.03
N CYS A 13 -5.44 0.13 -1.44
CA CYS A 13 -5.11 -0.61 -0.25
C CYS A 13 -6.02 -0.18 0.89
N THR A 14 -6.48 -1.12 1.67
CA THR A 14 -7.42 -0.80 2.71
C THR A 14 -6.85 -1.11 4.10
N VAL A 15 -6.11 -2.20 4.22
CA VAL A 15 -5.60 -2.59 5.50
C VAL A 15 -4.31 -1.84 5.80
N THR A 16 -3.51 -1.63 4.80
CA THR A 16 -2.28 -0.91 4.97
C THR A 16 -2.51 0.59 4.91
N ALA A 17 -3.69 0.97 4.45
CA ALA A 17 -4.08 2.37 4.41
C ALA A 17 -4.22 2.88 5.84
N LEU A 18 -4.53 1.95 6.73
CA LEU A 18 -4.65 2.21 8.16
C LEU A 18 -3.26 2.34 8.78
N LEU A 19 -2.27 1.80 8.09
CA LEU A 19 -0.90 1.83 8.59
C LEU A 19 -0.20 3.08 8.08
N GLY A 20 -0.78 3.68 7.06
CA GLY A 20 -0.23 4.87 6.47
C GLY A 20 0.62 4.55 5.27
N CYS A 21 0.28 3.48 4.58
CA CYS A 21 1.00 3.06 3.41
C CYS A 21 0.37 3.69 2.17
N SER A 22 1.20 4.04 1.20
CA SER A 22 0.77 4.70 0.00
C SER A 22 0.90 3.76 -1.20
N CYS A 23 0.03 3.93 -2.17
CA CYS A 23 0.02 3.12 -3.39
C CYS A 23 1.10 3.61 -4.34
N LYS A 24 2.15 2.84 -4.51
CA LYS A 24 3.25 3.21 -5.38
C LYS A 24 3.66 1.98 -6.14
N ASP A 25 3.68 2.07 -7.47
CA ASP A 25 4.06 0.93 -8.36
C ASP A 25 3.06 -0.20 -8.20
N LYS A 26 1.87 0.19 -7.77
CA LYS A 26 0.73 -0.67 -7.53
C LYS A 26 0.92 -1.56 -6.29
N VAL A 27 1.86 -1.20 -5.44
CA VAL A 27 2.07 -1.88 -4.18
C VAL A 27 2.03 -0.81 -3.11
N CYS A 28 1.57 -1.13 -1.94
CA CYS A 28 1.57 -0.13 -0.91
C CYS A 28 2.82 -0.18 -0.06
N TYR A 29 3.49 0.94 -0.02
CA TYR A 29 4.71 1.13 0.72
C TYR A 29 4.52 2.26 1.69
N LYS A 30 5.14 2.17 2.83
CA LYS A 30 5.13 3.26 3.75
C LYS A 30 6.55 3.79 3.85
N ASN A 31 6.82 4.83 3.07
CA ASN A 31 8.14 5.51 3.03
C ASN A 31 9.25 4.61 2.53
N GLY A 1 8.83 3.77 1.95
CA GLY A 1 9.64 2.83 1.24
C GLY A 1 9.59 1.46 1.88
N ILE A 2 8.79 1.33 2.91
CA ILE A 2 8.65 0.08 3.61
C ILE A 2 7.51 -0.72 2.97
N PRO A 3 7.80 -1.91 2.44
CA PRO A 3 6.79 -2.76 1.82
C PRO A 3 5.73 -3.19 2.84
N CYS A 4 4.48 -3.02 2.49
CA CYS A 4 3.40 -3.33 3.41
C CYS A 4 2.63 -4.58 3.01
N GLY A 5 3.06 -5.21 1.94
CA GLY A 5 2.43 -6.45 1.51
C GLY A 5 1.21 -6.24 0.65
N GLU A 6 0.25 -5.50 1.18
CA GLU A 6 -0.99 -5.21 0.48
C GLU A 6 -0.72 -4.36 -0.76
N SER A 7 -1.45 -4.61 -1.81
CA SER A 7 -1.22 -3.95 -3.06
C SER A 7 -2.45 -3.17 -3.54
N CYS A 8 -2.22 -2.26 -4.47
CA CYS A 8 -3.25 -1.46 -5.10
C CYS A 8 -3.21 -1.76 -6.58
N VAL A 9 -3.63 -2.93 -6.95
CA VAL A 9 -3.56 -3.36 -8.32
C VAL A 9 -4.82 -2.94 -9.02
N TYR A 10 -5.94 -3.37 -8.49
CA TYR A 10 -7.21 -3.01 -9.05
C TYR A 10 -7.96 -2.10 -8.08
N ILE A 11 -7.73 -2.30 -6.79
CA ILE A 11 -8.35 -1.49 -5.76
C ILE A 11 -7.28 -1.03 -4.78
N PRO A 12 -7.44 0.15 -4.18
CA PRO A 12 -6.48 0.67 -3.20
C PRO A 12 -6.49 -0.17 -1.91
N CYS A 13 -5.37 -0.14 -1.21
CA CYS A 13 -5.18 -0.86 0.05
C CYS A 13 -6.25 -0.52 1.07
N THR A 14 -6.66 -1.51 1.81
CA THR A 14 -7.69 -1.34 2.79
C THR A 14 -7.11 -1.43 4.20
N VAL A 15 -6.17 -2.33 4.40
CA VAL A 15 -5.61 -2.55 5.73
C VAL A 15 -4.44 -1.61 5.97
N THR A 16 -3.48 -1.66 5.07
CA THR A 16 -2.24 -0.93 5.22
C THR A 16 -2.42 0.56 4.99
N ALA A 17 -3.58 0.94 4.45
CA ALA A 17 -3.90 2.34 4.20
C ALA A 17 -3.99 3.11 5.51
N LEU A 18 -4.29 2.40 6.58
CA LEU A 18 -4.39 3.01 7.90
C LEU A 18 -3.05 2.95 8.63
N LEU A 19 -2.13 2.20 8.05
CA LEU A 19 -0.82 1.99 8.64
C LEU A 19 0.19 2.99 8.10
N GLY A 20 -0.26 3.83 7.19
CA GLY A 20 0.61 4.83 6.62
C GLY A 20 1.17 4.39 5.29
N CYS A 21 0.69 3.29 4.79
CA CYS A 21 1.16 2.78 3.53
C CYS A 21 0.37 3.40 2.41
N SER A 22 1.04 3.75 1.34
CA SER A 22 0.43 4.39 0.22
C SER A 22 0.70 3.57 -1.04
N CYS A 23 -0.17 3.69 -2.03
CA CYS A 23 -0.01 2.95 -3.26
C CYS A 23 1.17 3.52 -4.07
N LYS A 24 2.13 2.68 -4.34
CA LYS A 24 3.27 3.03 -5.15
C LYS A 24 3.58 1.85 -6.05
N ASP A 25 3.43 2.05 -7.36
CA ASP A 25 3.72 1.02 -8.39
C ASP A 25 2.84 -0.20 -8.17
N LYS A 26 1.61 0.07 -7.72
CA LYS A 26 0.58 -0.93 -7.45
C LYS A 26 0.80 -1.69 -6.16
N VAL A 27 1.76 -1.29 -5.36
CA VAL A 27 2.02 -1.94 -4.09
C VAL A 27 1.98 -0.89 -2.99
N CYS A 28 1.53 -1.23 -1.82
CA CYS A 28 1.55 -0.28 -0.75
C CYS A 28 2.86 -0.25 -0.03
N TYR A 29 3.43 0.92 -0.04
CA TYR A 29 4.65 1.20 0.64
C TYR A 29 4.43 2.29 1.63
N LYS A 30 4.90 2.09 2.81
CA LYS A 30 4.90 3.10 3.81
C LYS A 30 6.19 3.85 3.60
N ASN A 31 6.11 4.82 2.69
CA ASN A 31 7.25 5.56 2.17
C ASN A 31 8.12 4.67 1.32
N GLY A 1 8.59 3.59 1.44
CA GLY A 1 9.50 2.63 0.88
C GLY A 1 9.35 1.26 1.50
N ILE A 2 8.76 1.21 2.68
CA ILE A 2 8.57 -0.06 3.38
C ILE A 2 7.40 -0.83 2.75
N PRO A 3 7.66 -2.02 2.18
CA PRO A 3 6.62 -2.82 1.55
C PRO A 3 5.59 -3.28 2.58
N CYS A 4 4.34 -2.96 2.34
CA CYS A 4 3.30 -3.31 3.26
C CYS A 4 2.54 -4.55 2.83
N GLY A 5 2.92 -5.12 1.70
CA GLY A 5 2.31 -6.35 1.25
C GLY A 5 1.08 -6.10 0.41
N GLU A 6 0.09 -5.46 1.02
CA GLU A 6 -1.17 -5.16 0.35
C GLU A 6 -0.91 -4.33 -0.90
N SER A 7 -1.52 -4.73 -1.98
CA SER A 7 -1.31 -4.10 -3.23
C SER A 7 -2.57 -3.35 -3.66
N CYS A 8 -2.35 -2.30 -4.41
CA CYS A 8 -3.40 -1.41 -4.86
C CYS A 8 -3.44 -1.41 -6.39
N VAL A 9 -3.36 -2.59 -6.97
CA VAL A 9 -3.33 -2.77 -8.40
C VAL A 9 -4.74 -2.63 -8.92
N TYR A 10 -5.63 -3.35 -8.29
CA TYR A 10 -7.01 -3.33 -8.67
C TYR A 10 -7.83 -2.76 -7.54
N ILE A 11 -7.63 -3.30 -6.38
CA ILE A 11 -8.31 -2.89 -5.20
C ILE A 11 -7.36 -2.02 -4.40
N PRO A 12 -7.76 -0.79 -4.04
CA PRO A 12 -6.95 0.08 -3.22
C PRO A 12 -6.71 -0.53 -1.85
N CYS A 13 -5.62 -0.19 -1.24
CA CYS A 13 -5.26 -0.73 0.04
C CYS A 13 -6.23 -0.26 1.08
N THR A 14 -6.74 -1.17 1.85
CA THR A 14 -7.71 -0.82 2.83
C THR A 14 -7.14 -0.97 4.25
N VAL A 15 -6.24 -1.92 4.45
CA VAL A 15 -5.74 -2.13 5.80
C VAL A 15 -4.37 -1.52 6.00
N THR A 16 -3.53 -1.55 4.98
CA THR A 16 -2.21 -0.97 5.10
C THR A 16 -2.25 0.53 4.91
N ALA A 17 -3.28 1.00 4.21
CA ALA A 17 -3.48 2.43 4.02
C ALA A 17 -3.74 3.09 5.36
N LEU A 18 -4.35 2.33 6.26
CA LEU A 18 -4.63 2.76 7.62
C LEU A 18 -3.33 2.82 8.42
N LEU A 19 -2.34 2.05 7.99
CA LEU A 19 -1.04 2.00 8.64
C LEU A 19 -0.14 3.11 8.13
N GLY A 20 -0.61 3.81 7.12
CA GLY A 20 0.15 4.90 6.57
C GLY A 20 0.81 4.55 5.26
N CYS A 21 0.57 3.36 4.78
CA CYS A 21 1.17 2.92 3.54
C CYS A 21 0.51 3.63 2.36
N SER A 22 1.30 4.01 1.40
CA SER A 22 0.84 4.72 0.24
C SER A 22 0.91 3.79 -0.96
N CYS A 23 0.06 4.02 -1.93
CA CYS A 23 0.06 3.23 -3.13
C CYS A 23 1.27 3.64 -3.98
N LYS A 24 2.22 2.76 -4.10
CA LYS A 24 3.48 3.03 -4.77
C LYS A 24 3.83 1.85 -5.69
N ASP A 25 3.87 2.09 -7.01
CA ASP A 25 4.14 1.05 -8.03
C ASP A 25 3.03 0.00 -8.00
N LYS A 26 1.85 0.46 -7.55
CA LYS A 26 0.63 -0.34 -7.42
C LYS A 26 0.69 -1.32 -6.24
N VAL A 27 1.65 -1.13 -5.37
CA VAL A 27 1.74 -1.90 -4.15
C VAL A 27 1.84 -0.89 -3.01
N CYS A 28 1.31 -1.16 -1.88
CA CYS A 28 1.42 -0.20 -0.83
C CYS A 28 2.74 -0.27 -0.09
N TYR A 29 3.43 0.84 -0.12
CA TYR A 29 4.68 1.03 0.55
C TYR A 29 4.54 2.20 1.51
N LYS A 30 5.08 2.06 2.66
CA LYS A 30 5.05 3.12 3.63
C LYS A 30 6.44 3.72 3.68
N ASN A 31 6.65 4.79 2.91
CA ASN A 31 7.95 5.47 2.79
C ASN A 31 9.01 4.53 2.26
N GLY A 1 8.44 3.95 1.53
CA GLY A 1 9.13 3.07 0.65
C GLY A 1 9.25 1.68 1.24
N ILE A 2 8.59 1.44 2.36
CA ILE A 2 8.63 0.15 3.03
C ILE A 2 7.43 -0.69 2.56
N PRO A 3 7.66 -1.90 2.01
CA PRO A 3 6.60 -2.79 1.55
C PRO A 3 5.68 -3.20 2.71
N CYS A 4 4.40 -3.02 2.53
CA CYS A 4 3.45 -3.29 3.59
C CYS A 4 2.69 -4.61 3.42
N GLY A 5 2.97 -5.36 2.36
CA GLY A 5 2.31 -6.65 2.19
C GLY A 5 0.87 -6.53 1.71
N GLU A 6 0.62 -5.51 0.95
CA GLU A 6 -0.68 -5.28 0.35
C GLU A 6 -0.41 -4.59 -0.94
N SER A 7 -1.23 -4.80 -1.92
CA SER A 7 -1.05 -4.20 -3.19
C SER A 7 -2.24 -3.32 -3.56
N CYS A 8 -2.08 -2.55 -4.58
CA CYS A 8 -3.13 -1.70 -5.06
C CYS A 8 -3.29 -1.88 -6.55
N VAL A 9 -3.67 -3.08 -6.93
CA VAL A 9 -3.80 -3.42 -8.33
C VAL A 9 -5.22 -3.13 -8.78
N TYR A 10 -6.17 -3.55 -7.99
CA TYR A 10 -7.55 -3.36 -8.33
C TYR A 10 -8.12 -2.18 -7.59
N ILE A 11 -7.83 -2.11 -6.32
CA ILE A 11 -8.29 -1.06 -5.46
C ILE A 11 -7.10 -0.48 -4.72
N PRO A 12 -7.20 0.76 -4.21
CA PRO A 12 -6.15 1.38 -3.39
C PRO A 12 -5.86 0.57 -2.10
N CYS A 13 -4.86 0.98 -1.37
CA CYS A 13 -4.49 0.32 -0.14
C CYS A 13 -5.61 0.47 0.86
N THR A 14 -5.85 -0.56 1.64
CA THR A 14 -6.94 -0.50 2.55
C THR A 14 -6.55 -1.00 3.94
N VAL A 15 -5.97 -2.19 4.03
CA VAL A 15 -5.58 -2.72 5.31
C VAL A 15 -4.31 -2.03 5.77
N THR A 16 -3.44 -1.74 4.83
CA THR A 16 -2.20 -1.10 5.15
C THR A 16 -2.35 0.41 5.13
N ALA A 17 -3.46 0.88 4.56
CA ALA A 17 -3.76 2.30 4.53
C ALA A 17 -3.96 2.78 5.95
N LEU A 18 -4.47 1.88 6.78
CA LEU A 18 -4.67 2.12 8.19
C LEU A 18 -3.33 2.30 8.90
N LEU A 19 -2.28 1.71 8.33
CA LEU A 19 -0.94 1.81 8.89
C LEU A 19 -0.27 3.08 8.37
N GLY A 20 -0.67 3.50 7.20
CA GLY A 20 -0.11 4.69 6.60
C GLY A 20 0.62 4.37 5.31
N CYS A 21 0.33 3.23 4.75
CA CYS A 21 0.95 2.81 3.52
C CYS A 21 0.20 3.39 2.32
N SER A 22 0.93 3.81 1.33
CA SER A 22 0.36 4.42 0.16
C SER A 22 0.58 3.53 -1.06
N CYS A 23 -0.21 3.76 -2.07
CA CYS A 23 -0.13 3.02 -3.31
C CYS A 23 1.04 3.54 -4.15
N LYS A 24 2.00 2.70 -4.40
CA LYS A 24 3.16 3.05 -5.19
C LYS A 24 3.67 1.83 -5.92
N ASP A 25 3.80 1.93 -7.24
CA ASP A 25 4.29 0.82 -8.10
C ASP A 25 3.37 -0.40 -7.98
N LYS A 26 2.10 -0.10 -7.70
CA LYS A 26 1.00 -1.07 -7.52
C LYS A 26 1.10 -1.86 -6.23
N VAL A 27 2.01 -1.47 -5.38
CA VAL A 27 2.18 -2.12 -4.11
C VAL A 27 1.98 -1.07 -3.02
N CYS A 28 1.59 -1.47 -1.86
CA CYS A 28 1.42 -0.55 -0.78
C CYS A 28 2.71 -0.40 -0.02
N TYR A 29 3.22 0.80 -0.03
CA TYR A 29 4.44 1.15 0.60
C TYR A 29 4.22 2.24 1.62
N LYS A 30 4.70 2.03 2.80
CA LYS A 30 4.76 3.06 3.80
C LYS A 30 6.00 3.83 3.49
N ASN A 31 5.83 4.91 2.73
CA ASN A 31 6.92 5.71 2.16
C ASN A 31 7.63 4.89 1.09
N GLY A 1 8.38 3.62 2.11
CA GLY A 1 9.39 2.82 1.47
C GLY A 1 9.31 1.37 1.90
N ILE A 2 8.72 1.13 3.05
CA ILE A 2 8.57 -0.21 3.59
C ILE A 2 7.41 -0.94 2.90
N PRO A 3 7.68 -2.08 2.24
CA PRO A 3 6.64 -2.89 1.57
C PRO A 3 5.58 -3.37 2.58
N CYS A 4 4.35 -3.00 2.36
CA CYS A 4 3.27 -3.31 3.29
C CYS A 4 2.51 -4.60 2.92
N GLY A 5 2.88 -5.23 1.83
CA GLY A 5 2.26 -6.49 1.44
C GLY A 5 1.02 -6.29 0.60
N GLU A 6 0.20 -5.37 1.00
CA GLU A 6 -1.01 -5.07 0.30
C GLU A 6 -0.67 -4.29 -0.97
N SER A 7 -1.25 -4.70 -2.05
CA SER A 7 -0.97 -4.15 -3.33
C SER A 7 -2.25 -3.55 -3.88
N CYS A 8 -2.10 -2.49 -4.61
CA CYS A 8 -3.20 -1.80 -5.20
C CYS A 8 -3.25 -2.14 -6.66
N VAL A 9 -3.84 -3.27 -6.93
CA VAL A 9 -3.90 -3.77 -8.27
C VAL A 9 -5.21 -3.33 -8.88
N TYR A 10 -6.28 -3.56 -8.18
CA TYR A 10 -7.61 -3.21 -8.62
C TYR A 10 -8.32 -2.46 -7.51
N ILE A 11 -8.31 -3.04 -6.34
CA ILE A 11 -8.91 -2.44 -5.17
C ILE A 11 -7.83 -1.72 -4.38
N PRO A 12 -8.04 -0.42 -4.07
CA PRO A 12 -7.08 0.38 -3.29
C PRO A 12 -6.78 -0.28 -1.95
N CYS A 13 -5.59 -0.05 -1.45
CA CYS A 13 -5.15 -0.63 -0.19
C CYS A 13 -6.07 -0.22 0.94
N THR A 14 -6.63 -1.20 1.59
CA THR A 14 -7.57 -0.94 2.62
C THR A 14 -6.94 -1.05 4.01
N VAL A 15 -6.14 -2.06 4.23
CA VAL A 15 -5.65 -2.30 5.57
C VAL A 15 -4.34 -1.60 5.84
N THR A 16 -3.50 -1.50 4.83
CA THR A 16 -2.21 -0.89 5.02
C THR A 16 -2.29 0.63 5.00
N ALA A 17 -3.41 1.13 4.50
CA ALA A 17 -3.67 2.55 4.47
C ALA A 17 -3.76 3.09 5.90
N LEU A 18 -4.19 2.22 6.81
CA LEU A 18 -4.28 2.55 8.22
C LEU A 18 -2.87 2.74 8.81
N LEU A 19 -1.89 2.10 8.18
CA LEU A 19 -0.52 2.19 8.62
C LEU A 19 0.19 3.33 7.91
N GLY A 20 -0.51 3.98 6.99
CA GLY A 20 0.06 5.08 6.27
C GLY A 20 0.82 4.65 5.04
N CYS A 21 0.52 3.46 4.54
CA CYS A 21 1.18 2.97 3.35
C CYS A 21 0.60 3.65 2.13
N SER A 22 1.43 4.02 1.19
CA SER A 22 1.00 4.72 0.01
C SER A 22 1.14 3.82 -1.22
N CYS A 23 0.20 3.95 -2.13
CA CYS A 23 0.17 3.18 -3.35
C CYS A 23 1.13 3.78 -4.38
N LYS A 24 2.20 3.08 -4.65
CA LYS A 24 3.17 3.49 -5.63
C LYS A 24 3.69 2.24 -6.28
N ASP A 25 3.74 2.24 -7.63
CA ASP A 25 4.15 1.05 -8.40
C ASP A 25 3.20 -0.08 -8.16
N LYS A 26 1.97 0.32 -7.81
CA LYS A 26 0.86 -0.56 -7.51
C LYS A 26 1.08 -1.38 -6.24
N VAL A 27 2.03 -1.00 -5.45
CA VAL A 27 2.25 -1.67 -4.18
C VAL A 27 2.16 -0.61 -3.10
N CYS A 28 1.61 -0.94 -1.98
CA CYS A 28 1.56 -0.01 -0.92
C CYS A 28 2.78 -0.11 -0.04
N TYR A 29 3.49 0.98 0.03
CA TYR A 29 4.71 1.11 0.79
C TYR A 29 4.53 2.16 1.86
N LYS A 30 4.94 1.84 3.06
CA LYS A 30 4.93 2.78 4.15
C LYS A 30 6.25 3.48 4.18
N ASN A 31 6.30 4.61 3.48
CA ASN A 31 7.49 5.47 3.41
C ASN A 31 8.67 4.75 2.73
N GLY A 1 8.82 3.90 1.79
CA GLY A 1 9.72 2.91 1.26
C GLY A 1 9.49 1.55 1.88
N ILE A 2 8.71 1.51 2.94
CA ILE A 2 8.46 0.27 3.65
C ILE A 2 7.35 -0.50 2.94
N PRO A 3 7.63 -1.73 2.47
CA PRO A 3 6.62 -2.56 1.86
C PRO A 3 5.60 -2.99 2.91
N CYS A 4 4.36 -2.71 2.64
CA CYS A 4 3.34 -3.01 3.62
C CYS A 4 2.69 -4.36 3.40
N GLY A 5 3.10 -5.06 2.36
CA GLY A 5 2.58 -6.38 2.10
C GLY A 5 1.39 -6.36 1.19
N GLU A 6 0.43 -5.52 1.50
CA GLU A 6 -0.75 -5.40 0.70
C GLU A 6 -0.39 -4.87 -0.69
N SER A 7 -0.83 -5.56 -1.67
CA SER A 7 -0.62 -5.14 -3.01
C SER A 7 -1.92 -4.54 -3.49
N CYS A 8 -1.84 -3.43 -4.15
CA CYS A 8 -3.03 -2.73 -4.52
C CYS A 8 -3.00 -2.44 -6.01
N VAL A 9 -3.53 -3.36 -6.79
CA VAL A 9 -3.41 -3.27 -8.20
C VAL A 9 -4.40 -2.31 -8.80
N TYR A 10 -5.65 -2.44 -8.42
CA TYR A 10 -6.67 -1.55 -8.95
C TYR A 10 -7.46 -0.89 -7.84
N ILE A 11 -7.51 -1.54 -6.72
CA ILE A 11 -8.15 -1.01 -5.53
C ILE A 11 -7.04 -0.41 -4.67
N PRO A 12 -7.23 0.78 -4.05
CA PRO A 12 -6.21 1.40 -3.17
C PRO A 12 -5.98 0.58 -1.89
N CYS A 13 -4.97 0.98 -1.12
CA CYS A 13 -4.66 0.35 0.16
C CYS A 13 -5.89 0.36 1.04
N THR A 14 -6.33 -0.80 1.41
CA THR A 14 -7.52 -0.93 2.20
C THR A 14 -7.16 -1.41 3.61
N VAL A 15 -6.23 -2.32 3.69
CA VAL A 15 -5.88 -2.92 4.96
C VAL A 15 -4.73 -2.16 5.60
N THR A 16 -3.67 -2.04 4.87
CA THR A 16 -2.44 -1.44 5.34
C THR A 16 -2.50 0.08 5.36
N ALA A 17 -3.57 0.64 4.79
CA ALA A 17 -3.77 2.09 4.76
C ALA A 17 -3.76 2.66 6.19
N LEU A 18 -4.21 1.83 7.14
CA LEU A 18 -4.23 2.18 8.55
C LEU A 18 -2.81 2.46 9.08
N LEU A 19 -1.81 1.84 8.46
CA LEU A 19 -0.43 1.98 8.88
C LEU A 19 0.21 3.22 8.26
N GLY A 20 -0.52 3.85 7.36
CA GLY A 20 -0.01 5.02 6.68
C GLY A 20 0.63 4.66 5.35
N CYS A 21 0.23 3.55 4.82
CA CYS A 21 0.78 3.06 3.58
C CYS A 21 -0.03 3.61 2.39
N SER A 22 0.65 3.82 1.27
CA SER A 22 0.03 4.35 0.07
C SER A 22 0.48 3.50 -1.15
N CYS A 23 -0.30 3.52 -2.20
CA CYS A 23 0.00 2.75 -3.38
C CYS A 23 1.14 3.36 -4.19
N LYS A 24 2.04 2.52 -4.61
CA LYS A 24 3.12 2.88 -5.48
C LYS A 24 3.43 1.67 -6.34
N ASP A 25 3.28 1.84 -7.65
CA ASP A 25 3.56 0.79 -8.66
C ASP A 25 2.68 -0.44 -8.39
N LYS A 26 1.42 -0.15 -8.02
CA LYS A 26 0.39 -1.15 -7.75
C LYS A 26 0.69 -1.99 -6.46
N VAL A 27 1.61 -1.52 -5.64
CA VAL A 27 1.91 -2.17 -4.36
C VAL A 27 1.79 -1.11 -3.27
N CYS A 28 1.41 -1.48 -2.08
CA CYS A 28 1.23 -0.53 -1.04
C CYS A 28 2.50 -0.39 -0.20
N TYR A 29 3.05 0.80 -0.19
CA TYR A 29 4.28 1.12 0.53
C TYR A 29 4.05 2.30 1.44
N LYS A 30 4.65 2.25 2.59
CA LYS A 30 4.68 3.38 3.46
C LYS A 30 5.99 4.07 3.21
N ASN A 31 5.98 4.93 2.21
CA ASN A 31 7.16 5.64 1.67
C ASN A 31 8.12 4.66 1.00
N GLY A 1 8.96 4.05 2.24
CA GLY A 1 9.68 3.23 1.30
C GLY A 1 9.69 1.79 1.74
N ILE A 2 8.90 1.48 2.76
CA ILE A 2 8.85 0.14 3.30
C ILE A 2 7.65 -0.57 2.70
N PRO A 3 7.86 -1.69 2.01
CA PRO A 3 6.77 -2.45 1.43
C PRO A 3 5.88 -3.03 2.52
N CYS A 4 4.62 -2.76 2.43
CA CYS A 4 3.67 -3.19 3.44
C CYS A 4 3.03 -4.53 3.05
N GLY A 5 3.55 -5.14 1.99
CA GLY A 5 3.10 -6.45 1.55
C GLY A 5 1.83 -6.39 0.73
N GLU A 6 0.83 -5.78 1.28
CA GLU A 6 -0.47 -5.68 0.68
C GLU A 6 -0.40 -4.83 -0.61
N SER A 7 -1.08 -5.29 -1.62
CA SER A 7 -1.05 -4.67 -2.90
C SER A 7 -2.41 -4.00 -3.22
N CYS A 8 -2.41 -3.18 -4.23
CA CYS A 8 -3.55 -2.43 -4.62
C CYS A 8 -3.50 -2.23 -6.13
N VAL A 9 -4.27 -2.97 -6.84
CA VAL A 9 -4.25 -2.89 -8.27
C VAL A 9 -5.26 -1.86 -8.71
N TYR A 10 -6.45 -1.98 -8.19
CA TYR A 10 -7.53 -1.09 -8.54
C TYR A 10 -7.96 -0.31 -7.31
N ILE A 11 -8.22 -1.03 -6.26
CA ILE A 11 -8.71 -0.46 -5.03
C ILE A 11 -7.52 -0.30 -4.07
N PRO A 12 -7.35 0.90 -3.45
CA PRO A 12 -6.31 1.13 -2.45
C PRO A 12 -6.36 0.07 -1.33
N CYS A 13 -5.18 -0.29 -0.83
CA CYS A 13 -5.00 -1.37 0.15
C CYS A 13 -6.01 -1.33 1.29
N THR A 14 -6.65 -2.45 1.49
CA THR A 14 -7.70 -2.59 2.45
C THR A 14 -7.22 -2.43 3.92
N VAL A 15 -6.03 -2.87 4.23
CA VAL A 15 -5.55 -2.77 5.59
C VAL A 15 -4.42 -1.74 5.74
N THR A 16 -3.40 -1.89 4.95
CA THR A 16 -2.17 -1.13 5.10
C THR A 16 -2.27 0.34 4.65
N ALA A 17 -3.22 0.65 3.77
CA ALA A 17 -3.34 2.04 3.29
C ALA A 17 -3.92 2.94 4.36
N LEU A 18 -4.47 2.33 5.38
CA LEU A 18 -5.02 3.05 6.51
C LEU A 18 -3.98 3.09 7.62
N LEU A 19 -2.83 2.49 7.36
CA LEU A 19 -1.75 2.41 8.33
C LEU A 19 -0.60 3.30 7.91
N GLY A 20 -0.81 4.10 6.88
CA GLY A 20 0.21 5.00 6.41
C GLY A 20 0.88 4.54 5.14
N CYS A 21 0.50 3.41 4.63
CA CYS A 21 1.10 2.90 3.42
C CYS A 21 0.36 3.48 2.20
N SER A 22 1.09 3.86 1.19
CA SER A 22 0.53 4.42 -0.01
C SER A 22 0.89 3.55 -1.22
N CYS A 23 0.05 3.55 -2.21
CA CYS A 23 0.24 2.74 -3.40
C CYS A 23 1.37 3.25 -4.29
N LYS A 24 2.41 2.45 -4.40
CA LYS A 24 3.52 2.70 -5.28
C LYS A 24 3.80 1.42 -6.04
N ASP A 25 3.73 1.49 -7.36
CA ASP A 25 3.90 0.31 -8.25
C ASP A 25 2.81 -0.74 -7.96
N LYS A 26 1.64 -0.23 -7.55
CA LYS A 26 0.46 -1.04 -7.18
C LYS A 26 0.67 -1.81 -5.88
N VAL A 27 1.69 -1.45 -5.13
CA VAL A 27 1.95 -2.08 -3.85
C VAL A 27 1.97 -0.99 -2.80
N CYS A 28 1.44 -1.24 -1.65
CA CYS A 28 1.46 -0.24 -0.62
C CYS A 28 2.79 -0.21 0.10
N TYR A 29 3.40 0.94 0.05
CA TYR A 29 4.66 1.21 0.71
C TYR A 29 4.44 2.35 1.68
N LYS A 30 4.88 2.20 2.88
CA LYS A 30 4.86 3.29 3.81
C LYS A 30 6.22 3.90 3.77
N ASN A 31 6.30 5.11 3.22
CA ASN A 31 7.54 5.84 2.99
C ASN A 31 8.30 5.12 1.87
N GLY A 1 8.54 3.96 1.56
CA GLY A 1 9.40 3.09 0.78
C GLY A 1 9.40 1.68 1.31
N ILE A 2 9.07 1.52 2.57
CA ILE A 2 9.08 0.23 3.21
C ILE A 2 7.83 -0.55 2.78
N PRO A 3 8.00 -1.73 2.14
CA PRO A 3 6.88 -2.54 1.66
C PRO A 3 5.95 -2.97 2.79
N CYS A 4 4.66 -2.81 2.57
CA CYS A 4 3.68 -3.19 3.57
C CYS A 4 2.99 -4.51 3.19
N GLY A 5 3.48 -5.15 2.14
CA GLY A 5 2.98 -6.45 1.75
C GLY A 5 1.74 -6.38 0.88
N GLU A 6 0.72 -5.77 1.40
CA GLU A 6 -0.56 -5.67 0.71
C GLU A 6 -0.43 -4.82 -0.57
N SER A 7 -1.12 -5.24 -1.60
CA SER A 7 -1.05 -4.60 -2.86
C SER A 7 -2.39 -3.95 -3.22
N CYS A 8 -2.34 -3.01 -4.12
CA CYS A 8 -3.51 -2.29 -4.54
C CYS A 8 -3.49 -2.18 -6.04
N VAL A 9 -4.16 -3.08 -6.69
CA VAL A 9 -4.14 -3.17 -8.12
C VAL A 9 -5.29 -2.38 -8.72
N TYR A 10 -6.41 -2.43 -8.05
CA TYR A 10 -7.62 -1.81 -8.54
C TYR A 10 -8.03 -0.71 -7.59
N ILE A 11 -8.23 -1.10 -6.36
CA ILE A 11 -8.63 -0.22 -5.30
C ILE A 11 -7.43 -0.06 -4.39
N PRO A 12 -7.42 0.94 -3.47
CA PRO A 12 -6.34 1.09 -2.49
C PRO A 12 -6.32 -0.10 -1.53
N CYS A 13 -5.18 -0.33 -0.90
CA CYS A 13 -5.01 -1.42 0.03
C CYS A 13 -6.05 -1.37 1.13
N THR A 14 -6.63 -2.51 1.42
CA THR A 14 -7.70 -2.64 2.36
C THR A 14 -7.26 -2.27 3.79
N VAL A 15 -6.11 -2.75 4.20
CA VAL A 15 -5.67 -2.49 5.56
C VAL A 15 -4.48 -1.54 5.61
N THR A 16 -3.43 -1.87 4.90
CA THR A 16 -2.16 -1.16 5.00
C THR A 16 -2.23 0.31 4.57
N ALA A 17 -3.14 0.65 3.67
CA ALA A 17 -3.28 2.03 3.21
C ALA A 17 -3.68 2.93 4.38
N LEU A 18 -4.50 2.38 5.27
CA LEU A 18 -4.98 3.10 6.43
C LEU A 18 -3.94 3.09 7.54
N LEU A 19 -2.89 2.31 7.32
CA LEU A 19 -1.81 2.22 8.27
C LEU A 19 -0.72 3.21 7.87
N GLY A 20 -1.00 3.97 6.83
CA GLY A 20 -0.10 4.99 6.39
C GLY A 20 0.75 4.57 5.23
N CYS A 21 0.42 3.44 4.64
CA CYS A 21 1.14 2.97 3.48
C CYS A 21 0.44 3.51 2.24
N SER A 22 1.20 3.93 1.27
CA SER A 22 0.63 4.50 0.08
C SER A 22 0.84 3.59 -1.11
N CYS A 23 -0.04 3.71 -2.08
CA CYS A 23 0.06 2.95 -3.31
C CYS A 23 1.20 3.47 -4.18
N LYS A 24 2.19 2.64 -4.32
CA LYS A 24 3.31 2.91 -5.15
C LYS A 24 3.61 1.66 -5.94
N ASP A 25 3.55 1.78 -7.25
CA ASP A 25 3.76 0.65 -8.19
C ASP A 25 2.71 -0.44 -7.93
N LYS A 26 1.54 0.03 -7.48
CA LYS A 26 0.37 -0.81 -7.16
C LYS A 26 0.61 -1.71 -5.93
N VAL A 27 1.59 -1.35 -5.13
CA VAL A 27 1.84 -2.04 -3.88
C VAL A 27 1.86 -0.96 -2.81
N CYS A 28 1.44 -1.26 -1.62
CA CYS A 28 1.48 -0.27 -0.59
C CYS A 28 2.82 -0.27 0.14
N TYR A 29 3.46 0.86 0.09
CA TYR A 29 4.73 1.10 0.73
C TYR A 29 4.57 2.25 1.69
N LYS A 30 5.17 2.15 2.83
CA LYS A 30 5.15 3.21 3.77
C LYS A 30 6.54 3.77 3.82
N ASN A 31 6.70 4.97 3.28
CA ASN A 31 8.02 5.66 3.18
C ASN A 31 9.04 4.82 2.43
N GLY A 1 8.49 3.40 1.43
CA GLY A 1 9.44 2.54 0.81
C GLY A 1 9.38 1.15 1.38
N ILE A 2 8.86 1.03 2.59
CA ILE A 2 8.73 -0.27 3.22
C ILE A 2 7.47 -0.93 2.66
N PRO A 3 7.60 -2.07 1.96
CA PRO A 3 6.45 -2.76 1.38
C PRO A 3 5.50 -3.27 2.46
N CYS A 4 4.24 -2.98 2.29
CA CYS A 4 3.26 -3.36 3.28
C CYS A 4 2.47 -4.60 2.88
N GLY A 5 2.88 -5.22 1.79
CA GLY A 5 2.26 -6.45 1.35
C GLY A 5 0.99 -6.20 0.56
N GLU A 6 0.04 -5.55 1.18
CA GLU A 6 -1.21 -5.21 0.54
C GLU A 6 -0.93 -4.30 -0.63
N SER A 7 -1.50 -4.61 -1.74
CA SER A 7 -1.22 -3.90 -2.94
C SER A 7 -2.46 -3.18 -3.46
N CYS A 8 -2.23 -2.33 -4.42
CA CYS A 8 -3.26 -1.55 -5.04
C CYS A 8 -3.16 -1.77 -6.53
N VAL A 9 -3.09 -3.04 -6.91
CA VAL A 9 -2.94 -3.46 -8.28
C VAL A 9 -4.22 -3.13 -9.01
N TYR A 10 -5.31 -3.36 -8.33
CA TYR A 10 -6.61 -3.04 -8.83
C TYR A 10 -7.39 -2.37 -7.74
N ILE A 11 -7.55 -3.06 -6.65
CA ILE A 11 -8.31 -2.54 -5.54
C ILE A 11 -7.34 -1.78 -4.63
N PRO A 12 -7.68 -0.54 -4.24
CA PRO A 12 -6.86 0.25 -3.34
C PRO A 12 -6.75 -0.41 -1.96
N CYS A 13 -5.69 -0.10 -1.25
CA CYS A 13 -5.39 -0.74 0.02
C CYS A 13 -6.42 -0.40 1.09
N THR A 14 -6.75 -1.39 1.88
CA THR A 14 -7.75 -1.24 2.87
C THR A 14 -7.14 -1.20 4.28
N VAL A 15 -6.20 -2.09 4.55
CA VAL A 15 -5.65 -2.19 5.89
C VAL A 15 -4.38 -1.36 6.02
N THR A 16 -3.48 -1.52 5.08
CA THR A 16 -2.18 -0.90 5.15
C THR A 16 -2.25 0.60 4.93
N ALA A 17 -3.29 1.03 4.24
CA ALA A 17 -3.51 2.46 3.96
C ALA A 17 -3.62 3.23 5.28
N LEU A 18 -4.26 2.58 6.25
CA LEU A 18 -4.47 3.15 7.57
C LEU A 18 -3.17 3.12 8.37
N LEU A 19 -2.25 2.26 7.96
CA LEU A 19 -0.99 2.08 8.67
C LEU A 19 0.04 3.09 8.19
N GLY A 20 -0.33 3.87 7.21
CA GLY A 20 0.56 4.88 6.69
C GLY A 20 1.15 4.47 5.36
N CYS A 21 0.76 3.31 4.88
CA CYS A 21 1.25 2.84 3.61
C CYS A 21 0.48 3.54 2.51
N SER A 22 1.15 3.92 1.47
CA SER A 22 0.53 4.61 0.38
C SER A 22 0.67 3.78 -0.89
N CYS A 23 -0.25 3.94 -1.80
CA CYS A 23 -0.24 3.24 -3.06
C CYS A 23 0.91 3.78 -3.91
N LYS A 24 1.88 2.95 -4.16
CA LYS A 24 3.08 3.33 -4.85
C LYS A 24 3.50 2.19 -5.75
N ASP A 25 3.52 2.43 -7.05
CA ASP A 25 3.93 1.41 -8.05
C ASP A 25 3.07 0.16 -7.95
N LYS A 26 1.79 0.39 -7.66
CA LYS A 26 0.74 -0.66 -7.56
C LYS A 26 0.80 -1.47 -6.27
N VAL A 27 1.69 -1.13 -5.36
CA VAL A 27 1.74 -1.83 -4.09
C VAL A 27 1.72 -0.77 -2.99
N CYS A 28 1.23 -1.07 -1.84
CA CYS A 28 1.29 -0.09 -0.80
C CYS A 28 2.57 -0.20 -0.01
N TYR A 29 3.30 0.88 -0.02
CA TYR A 29 4.55 0.99 0.66
C TYR A 29 4.44 2.10 1.66
N LYS A 30 5.02 1.92 2.79
CA LYS A 30 5.10 2.96 3.77
C LYS A 30 6.46 3.60 3.67
N ASN A 31 6.52 4.62 2.81
CA ASN A 31 7.75 5.41 2.55
C ASN A 31 8.84 4.59 1.88
N GLY A 1 8.42 3.92 1.30
CA GLY A 1 9.42 3.03 0.76
C GLY A 1 9.38 1.67 1.42
N ILE A 2 8.81 1.61 2.62
CA ILE A 2 8.74 0.37 3.37
C ILE A 2 7.59 -0.49 2.81
N PRO A 3 7.88 -1.70 2.31
CA PRO A 3 6.86 -2.60 1.77
C PRO A 3 5.86 -3.04 2.84
N CYS A 4 4.59 -2.70 2.65
CA CYS A 4 3.56 -3.07 3.59
C CYS A 4 2.89 -4.38 3.19
N GLY A 5 3.33 -4.96 2.08
CA GLY A 5 2.87 -6.26 1.65
C GLY A 5 1.63 -6.21 0.79
N GLU A 6 0.57 -5.66 1.35
CA GLU A 6 -0.71 -5.56 0.68
C GLU A 6 -0.60 -4.71 -0.58
N SER A 7 -1.16 -5.23 -1.64
CA SER A 7 -1.10 -4.60 -2.92
C SER A 7 -2.42 -3.91 -3.29
N CYS A 8 -2.37 -3.08 -4.28
CA CYS A 8 -3.49 -2.34 -4.76
C CYS A 8 -3.29 -2.03 -6.24
N VAL A 9 -3.85 -2.88 -7.07
CA VAL A 9 -3.70 -2.77 -8.49
C VAL A 9 -4.80 -1.87 -9.04
N TYR A 10 -6.00 -2.09 -8.56
CA TYR A 10 -7.14 -1.32 -8.98
C TYR A 10 -7.77 -0.60 -7.80
N ILE A 11 -8.14 -1.35 -6.81
CA ILE A 11 -8.73 -0.80 -5.61
C ILE A 11 -7.62 -0.60 -4.58
N PRO A 12 -7.55 0.58 -3.93
CA PRO A 12 -6.54 0.87 -2.89
C PRO A 12 -6.58 -0.15 -1.75
N CYS A 13 -5.45 -0.28 -1.06
CA CYS A 13 -5.29 -1.22 0.05
C CYS A 13 -6.35 -1.01 1.12
N THR A 14 -6.88 -2.09 1.63
CA THR A 14 -7.94 -2.03 2.58
C THR A 14 -7.41 -1.97 4.02
N VAL A 15 -6.27 -2.59 4.26
CA VAL A 15 -5.76 -2.70 5.61
C VAL A 15 -4.51 -1.83 5.83
N THR A 16 -3.52 -2.00 5.00
CA THR A 16 -2.23 -1.36 5.18
C THR A 16 -2.26 0.13 4.88
N ALA A 17 -3.27 0.58 4.15
CA ALA A 17 -3.40 2.00 3.82
C ALA A 17 -3.53 2.82 5.09
N LEU A 18 -4.22 2.25 6.08
CA LEU A 18 -4.45 2.92 7.36
C LEU A 18 -3.21 2.89 8.24
N LEU A 19 -2.18 2.20 7.78
CA LEU A 19 -0.91 2.14 8.50
C LEU A 19 0.02 3.23 8.01
N GLY A 20 -0.45 4.00 7.06
CA GLY A 20 0.35 5.06 6.50
C GLY A 20 1.00 4.64 5.21
N CYS A 21 0.54 3.57 4.65
CA CYS A 21 1.07 3.07 3.40
C CYS A 21 0.23 3.60 2.24
N SER A 22 0.85 3.84 1.11
CA SER A 22 0.18 4.34 -0.07
C SER A 22 0.57 3.47 -1.26
N CYS A 23 -0.23 3.50 -2.31
CA CYS A 23 -0.02 2.69 -3.50
C CYS A 23 1.17 3.15 -4.32
N LYS A 24 2.26 2.42 -4.23
CA LYS A 24 3.44 2.68 -5.01
C LYS A 24 3.79 1.44 -5.76
N ASP A 25 3.83 1.56 -7.05
CA ASP A 25 4.12 0.45 -7.97
C ASP A 25 3.06 -0.66 -7.78
N LYS A 26 1.82 -0.21 -7.50
CA LYS A 26 0.64 -1.06 -7.27
C LYS A 26 0.70 -1.80 -5.92
N VAL A 27 1.64 -1.44 -5.07
CA VAL A 27 1.75 -2.08 -3.77
C VAL A 27 1.81 -1.00 -2.71
N CYS A 28 1.22 -1.23 -1.59
CA CYS A 28 1.28 -0.24 -0.55
C CYS A 28 2.62 -0.22 0.14
N TYR A 29 3.26 0.91 0.05
CA TYR A 29 4.51 1.17 0.69
C TYR A 29 4.33 2.32 1.64
N LYS A 30 5.01 2.25 2.75
CA LYS A 30 5.02 3.29 3.72
C LYS A 30 6.34 4.01 3.61
N ASN A 31 6.39 4.99 2.73
CA ASN A 31 7.58 5.83 2.50
C ASN A 31 8.75 5.00 1.99
N GLY A 1 8.61 4.00 2.17
CA GLY A 1 9.52 3.11 1.52
C GLY A 1 9.34 1.67 1.97
N ILE A 2 8.73 1.48 3.14
CA ILE A 2 8.55 0.14 3.69
C ILE A 2 7.43 -0.60 2.95
N PRO A 3 7.71 -1.77 2.35
CA PRO A 3 6.68 -2.55 1.67
C PRO A 3 5.68 -3.09 2.67
N CYS A 4 4.44 -2.71 2.51
CA CYS A 4 3.41 -3.11 3.43
C CYS A 4 2.71 -4.39 2.98
N GLY A 5 3.16 -4.94 1.86
CA GLY A 5 2.66 -6.22 1.40
C GLY A 5 1.42 -6.12 0.55
N GLU A 6 0.43 -5.41 1.06
CA GLU A 6 -0.84 -5.20 0.38
C GLU A 6 -0.62 -4.58 -1.01
N SER A 7 -1.27 -5.14 -1.99
CA SER A 7 -1.10 -4.70 -3.35
C SER A 7 -2.22 -3.70 -3.70
N CYS A 8 -2.09 -3.03 -4.81
CA CYS A 8 -3.06 -2.05 -5.21
C CYS A 8 -3.07 -1.92 -6.74
N VAL A 9 -4.04 -2.53 -7.37
CA VAL A 9 -4.18 -2.45 -8.80
C VAL A 9 -5.54 -1.82 -9.10
N TYR A 10 -6.58 -2.61 -8.92
CA TYR A 10 -7.93 -2.13 -9.11
C TYR A 10 -8.47 -1.65 -7.80
N ILE A 11 -8.14 -2.34 -6.74
CA ILE A 11 -8.54 -1.92 -5.43
C ILE A 11 -7.36 -1.26 -4.73
N PRO A 12 -7.62 -0.23 -3.95
CA PRO A 12 -6.58 0.50 -3.23
C PRO A 12 -6.18 -0.20 -1.92
N CYS A 13 -5.28 0.42 -1.19
CA CYS A 13 -4.82 -0.08 0.09
C CYS A 13 -6.01 -0.08 1.06
N THR A 14 -6.33 -1.22 1.59
CA THR A 14 -7.45 -1.33 2.46
C THR A 14 -7.00 -1.46 3.92
N VAL A 15 -6.00 -2.27 4.20
CA VAL A 15 -5.58 -2.46 5.57
C VAL A 15 -4.30 -1.68 5.89
N THR A 16 -3.39 -1.60 4.96
CA THR A 16 -2.12 -0.96 5.22
C THR A 16 -2.23 0.55 5.13
N ALA A 17 -3.36 1.01 4.62
CA ALA A 17 -3.64 2.43 4.52
C ALA A 17 -3.74 3.03 5.93
N LEU A 18 -4.12 2.18 6.88
CA LEU A 18 -4.26 2.57 8.27
C LEU A 18 -2.89 2.64 8.95
N LEU A 19 -1.89 2.06 8.31
CA LEU A 19 -0.53 2.06 8.83
C LEU A 19 0.19 3.29 8.32
N GLY A 20 -0.35 3.84 7.25
CA GLY A 20 0.27 4.98 6.62
C GLY A 20 0.96 4.60 5.35
N CYS A 21 0.49 3.54 4.75
CA CYS A 21 1.04 3.06 3.50
C CYS A 21 0.22 3.64 2.34
N SER A 22 0.88 3.89 1.23
CA SER A 22 0.23 4.39 0.06
C SER A 22 0.65 3.54 -1.14
N CYS A 23 -0.15 3.55 -2.16
CA CYS A 23 0.08 2.75 -3.34
C CYS A 23 1.27 3.30 -4.11
N LYS A 24 2.15 2.41 -4.49
CA LYS A 24 3.34 2.76 -5.22
C LYS A 24 3.73 1.57 -6.10
N ASP A 25 3.57 1.73 -7.41
CA ASP A 25 3.97 0.67 -8.39
C ASP A 25 3.23 -0.65 -8.06
N LYS A 26 1.95 -0.51 -7.71
CA LYS A 26 1.04 -1.64 -7.42
C LYS A 26 1.25 -2.28 -6.05
N VAL A 27 2.16 -1.76 -5.26
CA VAL A 27 2.34 -2.30 -3.93
C VAL A 27 2.19 -1.15 -2.96
N CYS A 28 1.58 -1.40 -1.86
CA CYS A 28 1.38 -0.36 -0.90
C CYS A 28 2.63 -0.27 -0.01
N TYR A 29 3.21 0.91 0.06
CA TYR A 29 4.42 1.15 0.83
C TYR A 29 4.20 2.26 1.82
N LYS A 30 4.71 2.09 3.00
CA LYS A 30 4.72 3.13 3.99
C LYS A 30 5.97 3.94 3.73
N ASN A 31 5.83 4.86 2.79
CA ASN A 31 6.92 5.70 2.28
C ASN A 31 7.88 4.86 1.49
N GLY A 1 8.21 3.59 0.61
CA GLY A 1 9.22 2.69 0.14
C GLY A 1 9.27 1.41 0.94
N ILE A 2 8.70 1.44 2.13
CA ILE A 2 8.66 0.26 2.97
C ILE A 2 7.42 -0.57 2.60
N PRO A 3 7.59 -1.84 2.19
CA PRO A 3 6.46 -2.70 1.81
C PRO A 3 5.50 -2.91 2.99
N CYS A 4 4.22 -2.82 2.75
CA CYS A 4 3.24 -2.94 3.81
C CYS A 4 2.37 -4.20 3.68
N GLY A 5 2.73 -5.08 2.78
CA GLY A 5 2.03 -6.33 2.64
C GLY A 5 0.96 -6.29 1.59
N GLU A 6 0.04 -5.39 1.74
CA GLU A 6 -1.06 -5.23 0.80
C GLU A 6 -0.56 -4.59 -0.50
N SER A 7 -1.20 -4.92 -1.59
CA SER A 7 -0.85 -4.36 -2.85
C SER A 7 -2.02 -3.54 -3.36
N CYS A 8 -1.87 -2.91 -4.47
CA CYS A 8 -2.91 -2.10 -5.01
C CYS A 8 -2.88 -2.16 -6.52
N VAL A 9 -3.13 -3.33 -7.05
CA VAL A 9 -3.10 -3.54 -8.47
C VAL A 9 -4.42 -3.08 -9.05
N TYR A 10 -5.46 -3.27 -8.27
CA TYR A 10 -6.79 -2.95 -8.68
C TYR A 10 -7.34 -1.81 -7.84
N ILE A 11 -7.38 -2.01 -6.56
CA ILE A 11 -7.89 -1.02 -5.62
C ILE A 11 -6.75 -0.51 -4.77
N PRO A 12 -6.86 0.72 -4.21
CA PRO A 12 -5.83 1.27 -3.32
C PRO A 12 -5.73 0.51 -2.00
N CYS A 13 -4.81 0.96 -1.16
CA CYS A 13 -4.59 0.37 0.15
C CYS A 13 -5.88 0.45 0.96
N THR A 14 -6.44 -0.68 1.26
CA THR A 14 -7.71 -0.76 1.91
C THR A 14 -7.53 -1.27 3.34
N VAL A 15 -6.60 -2.17 3.53
CA VAL A 15 -6.39 -2.78 4.83
C VAL A 15 -5.12 -2.24 5.50
N THR A 16 -4.05 -2.11 4.74
CA THR A 16 -2.77 -1.73 5.32
C THR A 16 -2.62 -0.19 5.36
N ALA A 17 -3.56 0.52 4.71
CA ALA A 17 -3.55 2.00 4.69
C ALA A 17 -3.53 2.55 6.10
N LEU A 18 -4.16 1.81 7.00
CA LEU A 18 -4.24 2.11 8.43
C LEU A 18 -2.84 2.24 9.08
N LEU A 19 -1.84 1.61 8.46
CA LEU A 19 -0.48 1.63 8.99
C LEU A 19 0.27 2.88 8.49
N GLY A 20 -0.40 3.67 7.67
CA GLY A 20 0.19 4.87 7.13
C GLY A 20 0.88 4.61 5.82
N CYS A 21 0.38 3.63 5.11
CA CYS A 21 0.99 3.24 3.85
C CYS A 21 0.23 3.81 2.66
N SER A 22 0.90 3.97 1.54
CA SER A 22 0.33 4.54 0.36
C SER A 22 0.55 3.66 -0.88
N CYS A 23 -0.37 3.72 -1.81
CA CYS A 23 -0.29 2.93 -3.04
C CYS A 23 0.80 3.50 -3.95
N LYS A 24 1.74 2.68 -4.32
CA LYS A 24 2.83 3.09 -5.14
C LYS A 24 3.31 1.91 -5.98
N ASP A 25 3.26 2.07 -7.31
CA ASP A 25 3.72 1.06 -8.28
C ASP A 25 2.89 -0.24 -8.12
N LYS A 26 1.63 -0.01 -7.76
CA LYS A 26 0.63 -1.06 -7.54
C LYS A 26 0.91 -1.94 -6.33
N VAL A 27 1.79 -1.49 -5.47
CA VAL A 27 2.05 -2.16 -4.22
C VAL A 27 1.84 -1.11 -3.13
N CYS A 28 1.48 -1.50 -1.93
CA CYS A 28 1.30 -0.51 -0.93
C CYS A 28 2.57 -0.37 -0.11
N TYR A 29 3.16 0.80 -0.22
CA TYR A 29 4.41 1.09 0.45
C TYR A 29 4.24 2.27 1.36
N LYS A 30 4.91 2.22 2.46
CA LYS A 30 4.98 3.36 3.32
C LYS A 30 6.28 4.06 2.99
N ASN A 31 6.22 4.89 1.95
CA ASN A 31 7.36 5.68 1.47
C ASN A 31 8.52 4.80 1.02
N GLY A 1 8.51 3.32 1.34
CA GLY A 1 9.32 2.44 0.54
C GLY A 1 9.33 1.02 1.07
N ILE A 2 8.89 0.84 2.29
CA ILE A 2 8.84 -0.50 2.89
C ILE A 2 7.54 -1.18 2.46
N PRO A 3 7.62 -2.33 1.77
CA PRO A 3 6.44 -3.04 1.29
C PRO A 3 5.53 -3.46 2.45
N CYS A 4 4.32 -2.97 2.43
CA CYS A 4 3.37 -3.29 3.48
C CYS A 4 2.56 -4.55 3.13
N GLY A 5 2.96 -5.23 2.07
CA GLY A 5 2.32 -6.45 1.69
C GLY A 5 1.15 -6.23 0.77
N GLU A 6 0.17 -5.51 1.27
CA GLU A 6 -1.01 -5.20 0.53
C GLU A 6 -0.66 -4.26 -0.64
N SER A 7 -1.21 -4.54 -1.78
CA SER A 7 -0.91 -3.80 -2.95
C SER A 7 -2.19 -3.11 -3.45
N CYS A 8 -2.06 -2.31 -4.46
CA CYS A 8 -3.15 -1.55 -4.99
C CYS A 8 -3.17 -1.64 -6.51
N VAL A 9 -3.60 -2.78 -7.01
CA VAL A 9 -3.70 -2.97 -8.43
C VAL A 9 -5.15 -2.85 -8.86
N TYR A 10 -5.97 -3.75 -8.38
CA TYR A 10 -7.36 -3.75 -8.72
C TYR A 10 -8.12 -3.05 -7.63
N ILE A 11 -7.91 -3.51 -6.43
CA ILE A 11 -8.50 -2.95 -5.26
C ILE A 11 -7.46 -2.09 -4.57
N PRO A 12 -7.80 -0.85 -4.18
CA PRO A 12 -6.88 -0.03 -3.40
C PRO A 12 -6.67 -0.69 -2.02
N CYS A 13 -5.59 -0.36 -1.37
CA CYS A 13 -5.26 -0.94 -0.10
C CYS A 13 -6.34 -0.65 0.93
N THR A 14 -6.79 -1.69 1.60
CA THR A 14 -7.84 -1.57 2.55
C THR A 14 -7.27 -1.29 3.94
N VAL A 15 -6.30 -2.09 4.35
CA VAL A 15 -5.80 -1.99 5.71
C VAL A 15 -4.49 -1.22 5.81
N THR A 16 -3.59 -1.41 4.86
CA THR A 16 -2.28 -0.80 4.94
C THR A 16 -2.34 0.70 4.68
N ALA A 17 -3.39 1.11 3.97
CA ALA A 17 -3.62 2.52 3.69
C ALA A 17 -3.86 3.29 4.98
N LEU A 18 -4.40 2.60 5.96
CA LEU A 18 -4.70 3.19 7.25
C LEU A 18 -3.50 3.04 8.20
N LEU A 19 -2.47 2.38 7.72
CA LEU A 19 -1.25 2.18 8.50
C LEU A 19 -0.19 3.16 8.04
N GLY A 20 -0.60 4.06 7.19
CA GLY A 20 0.29 5.08 6.69
C GLY A 20 1.07 4.61 5.49
N CYS A 21 0.72 3.47 4.95
CA CYS A 21 1.38 2.98 3.77
C CYS A 21 0.74 3.66 2.58
N SER A 22 1.53 4.06 1.63
CA SER A 22 1.05 4.80 0.50
C SER A 22 1.10 3.96 -0.76
N CYS A 23 0.10 4.11 -1.59
CA CYS A 23 -0.01 3.39 -2.84
C CYS A 23 0.94 3.99 -3.86
N LYS A 24 2.03 3.29 -4.12
CA LYS A 24 3.02 3.70 -5.10
C LYS A 24 3.46 2.49 -5.87
N ASP A 25 3.55 2.61 -7.19
CA ASP A 25 4.02 1.51 -8.07
C ASP A 25 3.08 0.27 -7.94
N LYS A 26 1.82 0.55 -7.55
CA LYS A 26 0.75 -0.45 -7.35
C LYS A 26 0.91 -1.26 -6.08
N VAL A 27 1.76 -0.83 -5.18
CA VAL A 27 1.91 -1.51 -3.91
C VAL A 27 1.85 -0.47 -2.80
N CYS A 28 1.35 -0.83 -1.65
CA CYS A 28 1.37 0.09 -0.57
C CYS A 28 2.65 -0.07 0.22
N TYR A 29 3.44 0.96 0.18
CA TYR A 29 4.71 1.00 0.83
C TYR A 29 4.67 2.04 1.92
N LYS A 30 5.31 1.77 3.01
CA LYS A 30 5.43 2.74 4.04
C LYS A 30 6.81 3.35 3.89
N ASN A 31 6.86 4.44 3.14
CA ASN A 31 8.10 5.19 2.80
C ASN A 31 9.05 4.33 1.97
N GLY A 1 8.77 3.82 1.66
CA GLY A 1 9.54 2.90 0.85
C GLY A 1 9.57 1.53 1.47
N ILE A 2 8.72 1.30 2.43
CA ILE A 2 8.63 0.04 3.12
C ILE A 2 7.40 -0.72 2.64
N PRO A 3 7.57 -1.91 2.04
CA PRO A 3 6.43 -2.72 1.59
C PRO A 3 5.56 -3.16 2.77
N CYS A 4 4.29 -2.90 2.65
CA CYS A 4 3.36 -3.15 3.72
C CYS A 4 2.65 -4.51 3.61
N GLY A 5 3.12 -5.33 2.66
CA GLY A 5 2.59 -6.66 2.46
C GLY A 5 1.19 -6.63 1.92
N GLU A 6 0.92 -5.69 1.05
CA GLU A 6 -0.37 -5.51 0.49
C GLU A 6 -0.21 -4.77 -0.82
N SER A 7 -0.84 -5.25 -1.85
CA SER A 7 -0.75 -4.63 -3.13
C SER A 7 -2.05 -3.91 -3.45
N CYS A 8 -2.01 -3.07 -4.44
CA CYS A 8 -3.17 -2.34 -4.83
C CYS A 8 -3.23 -2.20 -6.34
N VAL A 9 -3.86 -3.16 -6.96
CA VAL A 9 -3.92 -3.22 -8.39
C VAL A 9 -5.21 -2.61 -8.87
N TYR A 10 -6.30 -3.05 -8.31
CA TYR A 10 -7.61 -2.57 -8.71
C TYR A 10 -8.13 -1.62 -7.65
N ILE A 11 -7.95 -2.00 -6.43
CA ILE A 11 -8.38 -1.25 -5.29
C ILE A 11 -7.13 -0.73 -4.61
N PRO A 12 -7.14 0.51 -4.06
CA PRO A 12 -6.00 1.06 -3.29
C PRO A 12 -5.71 0.22 -2.02
N CYS A 13 -4.83 0.75 -1.18
CA CYS A 13 -4.50 0.10 0.09
C CYS A 13 -5.77 -0.08 0.89
N THR A 14 -6.04 -1.30 1.27
CA THR A 14 -7.31 -1.60 1.85
C THR A 14 -7.22 -1.68 3.38
N VAL A 15 -6.26 -2.43 3.88
CA VAL A 15 -6.17 -2.63 5.31
C VAL A 15 -4.95 -1.92 5.85
N THR A 16 -3.84 -2.07 5.17
CA THR A 16 -2.60 -1.50 5.62
C THR A 16 -2.59 0.05 5.43
N ALA A 17 -3.61 0.56 4.74
CA ALA A 17 -3.78 1.99 4.47
C ALA A 17 -3.76 2.80 5.76
N LEU A 18 -4.45 2.30 6.78
CA LEU A 18 -4.56 2.96 8.06
C LEU A 18 -3.20 3.02 8.80
N LEU A 19 -2.24 2.27 8.32
CA LEU A 19 -0.92 2.23 8.92
C LEU A 19 0.02 3.23 8.24
N GLY A 20 -0.52 4.00 7.32
CA GLY A 20 0.27 5.02 6.65
C GLY A 20 0.95 4.50 5.41
N CYS A 21 0.35 3.52 4.80
CA CYS A 21 0.87 2.95 3.59
C CYS A 21 0.09 3.47 2.40
N SER A 22 0.76 3.76 1.32
CA SER A 22 0.13 4.29 0.15
C SER A 22 0.64 3.58 -1.11
N CYS A 23 -0.08 3.70 -2.18
CA CYS A 23 0.27 3.01 -3.41
C CYS A 23 1.39 3.66 -4.18
N LYS A 24 2.40 2.87 -4.44
CA LYS A 24 3.48 3.19 -5.32
C LYS A 24 3.76 1.94 -6.12
N ASP A 25 3.80 2.05 -7.44
CA ASP A 25 4.04 0.89 -8.32
C ASP A 25 2.98 -0.17 -8.12
N LYS A 26 1.74 0.31 -7.87
CA LYS A 26 0.53 -0.49 -7.58
C LYS A 26 0.70 -1.43 -6.37
N VAL A 27 1.61 -1.07 -5.49
CA VAL A 27 1.85 -1.82 -4.28
C VAL A 27 1.82 -0.83 -3.10
N CYS A 28 1.39 -1.28 -1.95
CA CYS A 28 1.35 -0.44 -0.79
C CYS A 28 2.70 -0.35 -0.12
N TYR A 29 3.22 0.85 -0.06
CA TYR A 29 4.47 1.14 0.56
C TYR A 29 4.27 2.25 1.57
N LYS A 30 4.85 2.08 2.71
CA LYS A 30 4.89 3.10 3.69
C LYS A 30 6.19 3.83 3.44
N ASN A 31 6.10 4.87 2.62
CA ASN A 31 7.24 5.63 2.09
C ASN A 31 8.04 4.77 1.12
N GLY A 1 8.98 3.76 1.67
CA GLY A 1 9.68 2.85 0.79
C GLY A 1 9.71 1.46 1.36
N ILE A 2 8.98 1.27 2.43
CA ILE A 2 8.95 0.01 3.14
C ILE A 2 7.73 -0.77 2.67
N PRO A 3 7.92 -1.97 2.10
CA PRO A 3 6.80 -2.82 1.65
C PRO A 3 5.88 -3.19 2.81
N CYS A 4 4.61 -2.94 2.65
CA CYS A 4 3.65 -3.21 3.71
C CYS A 4 2.94 -4.55 3.55
N GLY A 5 3.24 -5.25 2.48
CA GLY A 5 2.70 -6.58 2.28
C GLY A 5 1.37 -6.59 1.55
N GLU A 6 0.74 -5.45 1.44
CA GLU A 6 -0.53 -5.34 0.76
C GLU A 6 -0.32 -4.53 -0.51
N SER A 7 -0.93 -4.97 -1.58
CA SER A 7 -0.80 -4.31 -2.84
C SER A 7 -2.18 -3.85 -3.34
N CYS A 8 -2.19 -3.10 -4.43
CA CYS A 8 -3.40 -2.52 -4.95
C CYS A 8 -3.31 -2.43 -6.46
N VAL A 9 -4.16 -3.14 -7.15
CA VAL A 9 -4.13 -3.10 -8.58
C VAL A 9 -5.16 -2.11 -9.07
N TYR A 10 -6.42 -2.44 -8.90
CA TYR A 10 -7.50 -1.55 -9.28
C TYR A 10 -8.24 -1.07 -8.05
N ILE A 11 -8.07 -1.81 -6.97
CA ILE A 11 -8.67 -1.50 -5.72
C ILE A 11 -7.56 -1.10 -4.77
N PRO A 12 -7.64 0.08 -4.13
CA PRO A 12 -6.62 0.53 -3.19
C PRO A 12 -6.51 -0.39 -1.98
N CYS A 13 -5.39 -0.32 -1.29
CA CYS A 13 -5.18 -1.12 -0.08
C CYS A 13 -6.20 -0.74 0.98
N THR A 14 -6.64 -1.68 1.77
CA THR A 14 -7.66 -1.38 2.74
C THR A 14 -7.15 -1.59 4.18
N VAL A 15 -5.98 -2.19 4.31
CA VAL A 15 -5.43 -2.45 5.62
C VAL A 15 -4.27 -1.53 5.89
N THR A 16 -3.25 -1.66 5.09
CA THR A 16 -2.03 -0.93 5.27
C THR A 16 -2.20 0.56 4.97
N ALA A 17 -3.24 0.88 4.21
CA ALA A 17 -3.57 2.25 3.88
C ALA A 17 -3.90 3.03 5.15
N LEU A 18 -4.51 2.33 6.09
CA LEU A 18 -4.88 2.94 7.36
C LEU A 18 -3.70 2.96 8.31
N LEU A 19 -2.65 2.28 7.94
CA LEU A 19 -1.45 2.23 8.75
C LEU A 19 -0.50 3.33 8.30
N GLY A 20 -0.72 3.86 7.13
CA GLY A 20 0.13 4.92 6.63
C GLY A 20 0.84 4.54 5.35
N CYS A 21 0.54 3.38 4.84
CA CYS A 21 1.13 2.92 3.60
C CYS A 21 0.33 3.46 2.42
N SER A 22 0.99 3.84 1.37
CA SER A 22 0.34 4.40 0.23
C SER A 22 0.67 3.57 -1.01
N CYS A 23 -0.23 3.59 -1.98
CA CYS A 23 -0.03 2.88 -3.22
C CYS A 23 1.05 3.51 -4.06
N LYS A 24 2.12 2.79 -4.20
CA LYS A 24 3.23 3.19 -5.02
C LYS A 24 3.59 2.01 -5.89
N ASP A 25 3.53 2.22 -7.18
CA ASP A 25 3.84 1.20 -8.19
C ASP A 25 3.00 -0.07 -7.97
N LYS A 26 1.74 0.15 -7.64
CA LYS A 26 0.70 -0.87 -7.45
C LYS A 26 0.87 -1.68 -6.16
N VAL A 27 1.78 -1.24 -5.30
CA VAL A 27 2.01 -1.92 -4.03
C VAL A 27 1.97 -0.86 -2.93
N CYS A 28 1.50 -1.21 -1.76
CA CYS A 28 1.49 -0.27 -0.69
C CYS A 28 2.76 -0.28 0.10
N TYR A 29 3.42 0.83 0.05
CA TYR A 29 4.65 1.04 0.73
C TYR A 29 4.49 2.16 1.73
N LYS A 30 5.09 1.99 2.85
CA LYS A 30 5.16 3.02 3.83
C LYS A 30 6.46 3.73 3.55
N ASN A 31 6.35 4.79 2.74
CA ASN A 31 7.50 5.56 2.24
C ASN A 31 8.25 4.73 1.20
N GLY A 1 8.65 3.78 1.42
CA GLY A 1 9.67 2.88 0.96
C GLY A 1 9.54 1.50 1.57
N ILE A 2 8.92 1.44 2.73
CA ILE A 2 8.74 0.18 3.44
C ILE A 2 7.55 -0.58 2.86
N PRO A 3 7.78 -1.77 2.27
CA PRO A 3 6.69 -2.63 1.78
C PRO A 3 5.79 -3.02 2.96
N CYS A 4 4.52 -2.72 2.83
CA CYS A 4 3.59 -2.94 3.91
C CYS A 4 2.88 -4.30 3.85
N GLY A 5 3.07 -5.03 2.78
CA GLY A 5 2.50 -6.35 2.69
C GLY A 5 1.13 -6.37 2.07
N GLU A 6 0.84 -5.41 1.24
CA GLU A 6 -0.43 -5.34 0.58
C GLU A 6 -0.25 -4.77 -0.81
N SER A 7 -1.00 -5.28 -1.73
CA SER A 7 -0.95 -4.85 -3.09
C SER A 7 -2.24 -4.08 -3.42
N CYS A 8 -2.15 -3.19 -4.35
CA CYS A 8 -3.26 -2.37 -4.75
C CYS A 8 -3.30 -2.31 -6.28
N VAL A 9 -4.04 -3.22 -6.86
CA VAL A 9 -4.04 -3.36 -8.29
C VAL A 9 -5.12 -2.48 -8.88
N TYR A 10 -6.34 -2.77 -8.54
CA TYR A 10 -7.47 -2.00 -9.00
C TYR A 10 -7.96 -1.10 -7.88
N ILE A 11 -7.94 -1.61 -6.68
CA ILE A 11 -8.34 -0.83 -5.53
C ILE A 11 -7.10 -0.18 -4.92
N PRO A 12 -7.25 0.85 -4.08
CA PRO A 12 -6.11 1.47 -3.38
C PRO A 12 -5.65 0.58 -2.20
N CYS A 13 -4.86 1.14 -1.31
CA CYS A 13 -4.46 0.41 -0.12
C CYS A 13 -5.69 0.19 0.74
N THR A 14 -5.77 -0.94 1.37
CA THR A 14 -6.94 -1.26 2.11
C THR A 14 -6.59 -1.49 3.58
N VAL A 15 -5.87 -2.53 3.89
CA VAL A 15 -5.55 -2.80 5.27
C VAL A 15 -4.29 -2.07 5.69
N THR A 16 -3.38 -1.85 4.74
CA THR A 16 -2.16 -1.17 5.05
C THR A 16 -2.36 0.34 4.99
N ALA A 17 -3.51 0.72 4.47
CA ALA A 17 -3.92 2.11 4.45
C ALA A 17 -4.16 2.55 5.88
N LEU A 18 -4.53 1.59 6.71
CA LEU A 18 -4.79 1.82 8.11
C LEU A 18 -3.47 1.88 8.89
N LEU A 19 -2.37 1.66 8.18
CA LEU A 19 -1.04 1.81 8.72
C LEU A 19 -0.44 3.10 8.17
N GLY A 20 -1.12 3.68 7.21
CA GLY A 20 -0.67 4.90 6.58
C GLY A 20 0.31 4.63 5.45
N CYS A 21 0.16 3.52 4.79
CA CYS A 21 1.00 3.19 3.66
C CYS A 21 0.35 3.74 2.39
N SER A 22 1.14 4.05 1.39
CA SER A 22 0.66 4.66 0.16
C SER A 22 0.75 3.68 -1.02
N CYS A 23 -0.21 3.76 -1.91
CA CYS A 23 -0.29 2.88 -3.07
C CYS A 23 0.56 3.41 -4.21
N LYS A 24 1.50 2.61 -4.67
CA LYS A 24 2.36 2.98 -5.76
C LYS A 24 2.97 1.75 -6.38
N ASP A 25 3.02 1.73 -7.71
CA ASP A 25 3.63 0.61 -8.48
C ASP A 25 2.82 -0.68 -8.24
N LYS A 26 1.54 -0.47 -7.91
CA LYS A 26 0.54 -1.52 -7.62
C LYS A 26 0.82 -2.22 -6.28
N VAL A 27 1.70 -1.66 -5.49
CA VAL A 27 2.04 -2.22 -4.19
C VAL A 27 1.85 -1.09 -3.16
N CYS A 28 1.64 -1.43 -1.92
CA CYS A 28 1.47 -0.42 -0.92
C CYS A 28 2.74 -0.33 -0.05
N TYR A 29 3.34 0.84 -0.06
CA TYR A 29 4.59 1.10 0.64
C TYR A 29 4.42 2.30 1.56
N LYS A 30 5.06 2.25 2.69
CA LYS A 30 5.08 3.37 3.59
C LYS A 30 6.45 4.02 3.51
N ASN A 31 6.55 5.02 2.64
CA ASN A 31 7.79 5.80 2.41
C ASN A 31 8.95 4.93 1.96
N GLY A 1 8.93 3.92 1.96
CA GLY A 1 9.94 3.00 1.53
C GLY A 1 9.76 1.60 2.10
N ILE A 2 8.81 1.45 2.99
CA ILE A 2 8.57 0.15 3.62
C ILE A 2 7.36 -0.53 2.99
N PRO A 3 7.52 -1.76 2.43
CA PRO A 3 6.40 -2.50 1.88
C PRO A 3 5.43 -2.89 2.99
N CYS A 4 4.18 -2.56 2.82
CA CYS A 4 3.20 -2.77 3.87
C CYS A 4 2.55 -4.16 3.80
N GLY A 5 2.87 -4.89 2.75
CA GLY A 5 2.33 -6.21 2.59
C GLY A 5 0.95 -6.19 1.99
N GLU A 6 0.81 -5.47 0.90
CA GLU A 6 -0.45 -5.35 0.20
C GLU A 6 -0.18 -4.83 -1.20
N SER A 7 -0.98 -5.26 -2.12
CA SER A 7 -0.87 -4.84 -3.48
C SER A 7 -1.99 -3.86 -3.73
N CYS A 8 -1.82 -3.02 -4.71
CA CYS A 8 -2.83 -2.06 -5.02
C CYS A 8 -3.06 -2.03 -6.52
N VAL A 9 -3.88 -2.93 -6.95
CA VAL A 9 -4.17 -3.06 -8.35
C VAL A 9 -5.47 -2.36 -8.65
N TYR A 10 -6.50 -2.80 -8.00
CA TYR A 10 -7.82 -2.23 -8.19
C TYR A 10 -8.05 -1.21 -7.12
N ILE A 11 -7.92 -1.66 -5.92
CA ILE A 11 -8.10 -0.85 -4.77
C ILE A 11 -6.71 -0.44 -4.30
N PRO A 12 -6.52 0.79 -3.81
CA PRO A 12 -5.26 1.20 -3.20
C PRO A 12 -4.99 0.43 -1.89
N CYS A 13 -4.22 1.01 -1.02
CA CYS A 13 -3.95 0.39 0.27
C CYS A 13 -5.24 0.41 1.06
N THR A 14 -5.75 -0.73 1.36
CA THR A 14 -7.00 -0.80 2.02
C THR A 14 -6.85 -1.35 3.44
N VAL A 15 -6.16 -2.46 3.61
CA VAL A 15 -5.96 -3.00 4.95
C VAL A 15 -4.70 -2.38 5.51
N THR A 16 -3.80 -2.00 4.63
CA THR A 16 -2.57 -1.36 5.02
C THR A 16 -2.76 0.14 5.22
N ALA A 17 -3.94 0.63 4.85
CA ALA A 17 -4.29 2.04 5.04
C ALA A 17 -4.33 2.38 6.53
N LEU A 18 -4.42 1.33 7.36
CA LEU A 18 -4.40 1.44 8.81
C LEU A 18 -3.04 1.90 9.32
N LEU A 19 -2.02 1.73 8.48
CA LEU A 19 -0.67 2.11 8.83
C LEU A 19 -0.29 3.38 8.07
N GLY A 20 -1.26 3.93 7.34
CA GLY A 20 -1.02 5.09 6.53
C GLY A 20 -0.01 4.82 5.42
N CYS A 21 -0.28 3.78 4.66
CA CYS A 21 0.58 3.41 3.57
C CYS A 21 0.07 4.01 2.25
N SER A 22 0.86 3.95 1.20
CA SER A 22 0.51 4.55 -0.07
C SER A 22 0.76 3.58 -1.23
N CYS A 23 0.00 3.73 -2.28
CA CYS A 23 0.11 2.87 -3.43
C CYS A 23 1.26 3.32 -4.30
N LYS A 24 2.16 2.41 -4.58
CA LYS A 24 3.29 2.67 -5.43
C LYS A 24 3.48 1.57 -6.43
N ASP A 25 3.12 1.89 -7.65
CA ASP A 25 3.31 1.03 -8.82
C ASP A 25 2.70 -0.38 -8.64
N LYS A 26 1.49 -0.40 -8.04
CA LYS A 26 0.69 -1.63 -7.79
C LYS A 26 1.08 -2.34 -6.50
N VAL A 27 2.04 -1.81 -5.80
CA VAL A 27 2.43 -2.40 -4.52
C VAL A 27 2.26 -1.32 -3.45
N CYS A 28 1.83 -1.69 -2.28
CA CYS A 28 1.63 -0.70 -1.25
C CYS A 28 2.88 -0.53 -0.39
N TYR A 29 3.31 0.70 -0.28
CA TYR A 29 4.48 1.07 0.47
C TYR A 29 4.18 2.22 1.38
N LYS A 30 4.68 2.17 2.56
CA LYS A 30 4.66 3.30 3.42
C LYS A 30 5.98 4.00 3.18
N ASN A 31 5.98 4.80 2.12
CA ASN A 31 7.15 5.53 1.64
C ASN A 31 8.22 4.60 1.08
N GLY A 1 9.02 3.71 1.58
CA GLY A 1 9.64 2.66 0.82
C GLY A 1 9.46 1.32 1.51
N ILE A 2 8.70 1.31 2.58
CA ILE A 2 8.45 0.10 3.36
C ILE A 2 7.17 -0.56 2.86
N PRO A 3 7.24 -1.75 2.26
CA PRO A 3 6.07 -2.44 1.72
C PRO A 3 5.13 -2.98 2.82
N CYS A 4 3.86 -2.87 2.57
CA CYS A 4 2.84 -3.39 3.45
C CYS A 4 2.22 -4.70 2.96
N GLY A 5 2.70 -5.20 1.85
CA GLY A 5 2.17 -6.46 1.32
C GLY A 5 0.97 -6.24 0.45
N GLU A 6 -0.05 -5.63 1.03
CA GLU A 6 -1.27 -5.26 0.33
C GLU A 6 -0.90 -4.44 -0.90
N SER A 7 -1.49 -4.73 -2.01
CA SER A 7 -1.14 -4.07 -3.22
C SER A 7 -2.33 -3.34 -3.83
N CYS A 8 -2.03 -2.37 -4.67
CA CYS A 8 -3.03 -1.57 -5.30
C CYS A 8 -3.01 -1.80 -6.80
N VAL A 9 -3.45 -2.98 -7.17
CA VAL A 9 -3.47 -3.41 -8.55
C VAL A 9 -4.90 -3.35 -9.06
N TYR A 10 -5.81 -3.91 -8.30
CA TYR A 10 -7.21 -3.90 -8.66
C TYR A 10 -8.02 -3.12 -7.64
N ILE A 11 -7.51 -3.04 -6.44
CA ILE A 11 -8.15 -2.30 -5.37
C ILE A 11 -7.09 -1.38 -4.76
N PRO A 12 -7.49 -0.30 -4.11
CA PRO A 12 -6.53 0.59 -3.43
C PRO A 12 -6.11 0.02 -2.07
N CYS A 13 -5.26 0.74 -1.36
CA CYS A 13 -4.82 0.32 -0.04
C CYS A 13 -5.97 0.45 0.89
N THR A 14 -6.44 -0.66 1.36
CA THR A 14 -7.64 -0.68 2.13
C THR A 14 -7.38 -0.96 3.61
N VAL A 15 -6.52 -1.89 3.94
CA VAL A 15 -6.28 -2.22 5.32
C VAL A 15 -4.90 -1.77 5.79
N THR A 16 -3.94 -1.77 4.91
CA THR A 16 -2.59 -1.39 5.29
C THR A 16 -2.40 0.11 5.22
N ALA A 17 -3.40 0.77 4.65
CA ALA A 17 -3.41 2.21 4.53
C ALA A 17 -3.28 2.88 5.89
N LEU A 18 -3.93 2.29 6.90
CA LEU A 18 -3.90 2.80 8.27
C LEU A 18 -2.48 2.69 8.89
N LEU A 19 -1.64 1.87 8.31
CA LEU A 19 -0.29 1.70 8.83
C LEU A 19 0.60 2.83 8.35
N GLY A 20 0.16 3.50 7.31
CA GLY A 20 0.93 4.57 6.74
C GLY A 20 1.20 4.32 5.28
N CYS A 21 0.95 3.10 4.85
CA CYS A 21 1.22 2.74 3.49
C CYS A 21 0.20 3.36 2.52
N SER A 22 0.70 3.80 1.39
CA SER A 22 -0.09 4.35 0.33
C SER A 22 0.25 3.62 -0.95
N CYS A 23 -0.49 3.89 -1.99
CA CYS A 23 -0.28 3.22 -3.26
C CYS A 23 0.98 3.74 -3.94
N LYS A 24 1.99 2.88 -4.03
CA LYS A 24 3.25 3.19 -4.67
C LYS A 24 3.72 2.01 -5.47
N ASP A 25 3.87 2.21 -6.74
CA ASP A 25 4.36 1.15 -7.67
C ASP A 25 3.41 -0.04 -7.67
N LYS A 26 2.12 0.26 -7.45
CA LYS A 26 1.02 -0.72 -7.39
C LYS A 26 1.09 -1.62 -6.15
N VAL A 27 1.87 -1.22 -5.19
CA VAL A 27 1.96 -1.92 -3.92
C VAL A 27 1.76 -0.88 -2.82
N CYS A 28 1.26 -1.25 -1.69
CA CYS A 28 1.14 -0.31 -0.63
C CYS A 28 2.47 -0.19 0.10
N TYR A 29 3.05 0.99 0.02
CA TYR A 29 4.34 1.31 0.61
C TYR A 29 4.21 2.49 1.55
N LYS A 30 4.90 2.41 2.64
CA LYS A 30 5.03 3.48 3.59
C LYS A 30 6.41 4.07 3.34
N ASN A 31 6.46 5.05 2.46
CA ASN A 31 7.70 5.68 1.95
C ASN A 31 8.39 4.71 1.01
N GLY A 1 9.03 4.24 2.01
CA GLY A 1 9.95 3.19 1.68
C GLY A 1 9.61 1.89 2.36
N ILE A 2 8.68 1.95 3.31
CA ILE A 2 8.28 0.81 4.10
C ILE A 2 7.24 0.00 3.32
N PRO A 3 7.54 -1.25 2.99
CA PRO A 3 6.60 -2.11 2.27
C PRO A 3 5.52 -2.66 3.20
N CYS A 4 4.29 -2.66 2.74
CA CYS A 4 3.19 -3.20 3.51
C CYS A 4 2.74 -4.57 3.02
N GLY A 5 3.33 -5.06 1.96
CA GLY A 5 3.00 -6.39 1.46
C GLY A 5 1.82 -6.40 0.51
N GLU A 6 0.72 -5.85 0.97
CA GLU A 6 -0.52 -5.79 0.21
C GLU A 6 -0.33 -5.03 -1.12
N SER A 7 -1.03 -5.49 -2.13
CA SER A 7 -0.90 -4.96 -3.45
C SER A 7 -2.13 -4.08 -3.76
N CYS A 8 -1.97 -3.16 -4.66
CA CYS A 8 -3.01 -2.26 -5.02
C CYS A 8 -3.12 -2.22 -6.53
N VAL A 9 -4.03 -2.98 -7.05
CA VAL A 9 -4.19 -3.06 -8.47
C VAL A 9 -5.43 -2.29 -8.89
N TYR A 10 -6.55 -2.72 -8.36
CA TYR A 10 -7.82 -2.11 -8.70
C TYR A 10 -8.17 -1.07 -7.67
N ILE A 11 -7.80 -1.34 -6.44
CA ILE A 11 -8.10 -0.46 -5.35
C ILE A 11 -6.87 -0.30 -4.47
N PRO A 12 -6.72 0.85 -3.81
CA PRO A 12 -5.66 1.05 -2.82
C PRO A 12 -5.86 0.11 -1.64
N CYS A 13 -4.81 -0.17 -0.91
CA CYS A 13 -4.89 -1.06 0.23
C CYS A 13 -5.68 -0.36 1.32
N THR A 14 -6.96 -0.64 1.39
CA THR A 14 -7.85 0.08 2.24
C THR A 14 -7.67 -0.23 3.74
N VAL A 15 -7.48 -1.50 4.09
CA VAL A 15 -7.30 -1.84 5.50
C VAL A 15 -5.83 -1.68 5.91
N THR A 16 -4.92 -2.01 5.00
CA THR A 16 -3.50 -1.93 5.26
C THR A 16 -3.03 -0.46 5.30
N ALA A 17 -3.92 0.44 4.88
CA ALA A 17 -3.66 1.88 4.90
C ALA A 17 -3.54 2.39 6.33
N LEU A 18 -3.95 1.56 7.29
CA LEU A 18 -3.80 1.89 8.70
C LEU A 18 -2.31 2.02 9.04
N LEU A 19 -1.47 1.30 8.29
CA LEU A 19 -0.04 1.34 8.52
C LEU A 19 0.58 2.60 7.90
N GLY A 20 -0.20 3.30 7.09
CA GLY A 20 0.26 4.53 6.47
C GLY A 20 0.72 4.35 5.04
N CYS A 21 0.73 3.12 4.59
CA CYS A 21 1.16 2.81 3.23
C CYS A 21 0.19 3.29 2.17
N SER A 22 0.74 3.81 1.11
CA SER A 22 0.00 4.28 -0.02
C SER A 22 0.41 3.46 -1.26
N CYS A 23 -0.32 3.59 -2.34
CA CYS A 23 -0.11 2.75 -3.51
C CYS A 23 1.06 3.26 -4.36
N LYS A 24 2.03 2.39 -4.62
CA LYS A 24 3.17 2.72 -5.47
C LYS A 24 3.66 1.47 -6.17
N ASP A 25 3.67 1.51 -7.51
CA ASP A 25 4.15 0.39 -8.35
C ASP A 25 3.25 -0.82 -8.18
N LYS A 26 1.99 -0.54 -7.85
CA LYS A 26 0.94 -1.54 -7.57
C LYS A 26 1.13 -2.21 -6.21
N VAL A 27 2.01 -1.70 -5.39
CA VAL A 27 2.23 -2.25 -4.06
C VAL A 27 2.13 -1.12 -3.04
N CYS A 28 1.61 -1.39 -1.89
CA CYS A 28 1.48 -0.35 -0.90
C CYS A 28 2.74 -0.18 -0.06
N TYR A 29 3.28 1.03 -0.13
CA TYR A 29 4.49 1.43 0.57
C TYR A 29 4.24 2.72 1.33
N LYS A 30 4.81 2.82 2.50
CA LYS A 30 4.79 4.06 3.25
C LYS A 30 6.15 4.69 3.08
N ASN A 31 6.29 5.45 2.01
CA ASN A 31 7.56 6.10 1.59
C ASN A 31 8.57 5.06 1.11
N GLY A 1 9.01 3.53 2.11
CA GLY A 1 9.63 2.60 1.21
C GLY A 1 9.54 1.20 1.78
N ILE A 2 8.75 1.04 2.82
CA ILE A 2 8.58 -0.24 3.47
C ILE A 2 7.39 -0.95 2.85
N PRO A 3 7.59 -2.17 2.30
CA PRO A 3 6.52 -2.95 1.71
C PRO A 3 5.48 -3.31 2.77
N CYS A 4 4.26 -2.93 2.55
CA CYS A 4 3.23 -3.15 3.52
C CYS A 4 2.56 -4.52 3.35
N GLY A 5 3.00 -5.25 2.35
CA GLY A 5 2.56 -6.61 2.21
C GLY A 5 1.39 -6.80 1.27
N GLU A 6 0.97 -5.75 0.60
CA GLU A 6 -0.18 -5.86 -0.25
C GLU A 6 -0.01 -4.94 -1.45
N SER A 7 -0.46 -5.41 -2.60
CA SER A 7 -0.39 -4.66 -3.81
C SER A 7 -1.81 -4.11 -4.09
N CYS A 8 -1.91 -3.08 -4.88
CA CYS A 8 -3.15 -2.45 -5.17
C CYS A 8 -3.29 -2.28 -6.65
N VAL A 9 -4.09 -3.11 -7.25
CA VAL A 9 -4.23 -3.09 -8.67
C VAL A 9 -5.53 -2.39 -9.04
N TYR A 10 -6.62 -2.97 -8.64
CA TYR A 10 -7.93 -2.41 -8.92
C TYR A 10 -8.41 -1.68 -7.70
N ILE A 11 -8.30 -2.32 -6.56
CA ILE A 11 -8.67 -1.72 -5.32
C ILE A 11 -7.41 -1.44 -4.51
N PRO A 12 -7.37 -0.31 -3.78
CA PRO A 12 -6.25 0.01 -2.93
C PRO A 12 -6.33 -0.72 -1.59
N CYS A 13 -5.20 -0.82 -0.93
CA CYS A 13 -5.08 -1.47 0.36
C CYS A 13 -5.95 -0.74 1.38
N THR A 14 -6.84 -1.46 2.02
CA THR A 14 -7.73 -0.89 2.98
C THR A 14 -7.08 -0.85 4.38
N VAL A 15 -6.48 -1.97 4.77
CA VAL A 15 -5.89 -2.13 6.09
C VAL A 15 -4.60 -1.34 6.23
N THR A 16 -3.69 -1.55 5.32
CA THR A 16 -2.40 -0.91 5.40
C THR A 16 -2.45 0.61 5.12
N ALA A 17 -3.57 1.07 4.56
CA ALA A 17 -3.79 2.50 4.36
C ALA A 17 -3.87 3.19 5.71
N LEU A 18 -4.38 2.44 6.68
CA LEU A 18 -4.57 2.88 8.05
C LEU A 18 -3.22 2.91 8.77
N LEU A 19 -2.18 2.47 8.10
CA LEU A 19 -0.85 2.47 8.65
C LEU A 19 -0.02 3.55 7.96
N GLY A 20 -0.60 4.18 6.95
CA GLY A 20 0.11 5.24 6.24
C GLY A 20 0.68 4.78 4.92
N CYS A 21 0.42 3.56 4.55
CA CYS A 21 0.94 3.02 3.31
C CYS A 21 0.18 3.59 2.13
N SER A 22 0.89 3.92 1.08
CA SER A 22 0.28 4.45 -0.11
C SER A 22 0.68 3.66 -1.33
N CYS A 23 -0.13 3.71 -2.36
CA CYS A 23 0.14 3.01 -3.60
C CYS A 23 1.27 3.67 -4.36
N LYS A 24 2.36 2.97 -4.44
CA LYS A 24 3.51 3.39 -5.18
C LYS A 24 3.88 2.22 -6.04
N ASP A 25 3.91 2.41 -7.34
CA ASP A 25 4.22 1.32 -8.31
C ASP A 25 3.19 0.21 -8.18
N LYS A 26 1.98 0.61 -7.74
CA LYS A 26 0.83 -0.26 -7.55
C LYS A 26 1.00 -1.22 -6.37
N VAL A 27 1.91 -0.90 -5.48
CA VAL A 27 2.08 -1.66 -4.26
C VAL A 27 2.01 -0.68 -3.11
N CYS A 28 1.46 -1.08 -2.00
CA CYS A 28 1.34 -0.19 -0.88
C CYS A 28 2.62 -0.19 -0.05
N TYR A 29 3.24 0.96 0.01
CA TYR A 29 4.47 1.14 0.76
C TYR A 29 4.32 2.25 1.77
N LYS A 30 4.89 2.05 2.92
CA LYS A 30 4.99 3.06 3.95
C LYS A 30 6.38 3.63 3.82
N ASN A 31 6.46 4.80 3.23
CA ASN A 31 7.73 5.45 2.77
C ASN A 31 8.35 4.59 1.68
#